data_2Y66
#
_entry.id   2Y66
#
_cell.length_a   65.604
_cell.length_b   65.604
_cell.length_c   134.892
_cell.angle_alpha   90.00
_cell.angle_beta   90.00
_cell.angle_gamma   90.00
#
_symmetry.space_group_name_H-M   'P 41'
#
loop_
_entity.id
_entity.type
_entity.pdbx_description
1 polymer 'UDP-N-ACETYLMURAMOYLALANINE--D-GLUTAMATE LIGASE'
2 non-polymer '(2R)-2-[[3-[[3-[(Z)-(2,4-dioxo-1,3-thiazolidin-5-ylidene)methyl]phenoxy]methyl]phenyl]carbonylamino]pentanedioic acid'
3 non-polymer 'DIMETHYL SULFOXIDE'
4 non-polymer 'SULFATE ION'
5 non-polymer 'SULFITE ION'
6 non-polymer 'CHLORIDE ION'
7 water water
#
_entity_poly.entity_id   1
_entity_poly.type   'polypeptide(L)'
_entity_poly.pdbx_seq_one_letter_code
;MADYQGKNVVIIGLGLTGLSCVDFFLARGVTPRVMDTRMTPPGLDKLPEAVERHTGSLNDEWLMAADLIVASPGIALAHP
SLSAAADAGIEIVGDIELFCREAQAPIVAITGSNGKSTVTTLVGEMAKAAGVNVGVGGNIGLPALMLLDDECELYVLELS
SFQLETTSSLQAVAATILNVTEDHMDRYPFGLQQYRAA(KCX)LRIYENAKVCVVNADDALTMPIRGADERCVSFGVNMG
DYHLNHQQGETWLRVKGEKVLNVKEMKLSGQHNYTNALAALALADAAGLPRASSLKALTTFTGLPHRFEVVLEHNGVRWI
NDSKATNVGSTEAALNGLHVDGTLHLLLGGDGKSADFSPLARYLNGDNVRLYCFGRDGAQLAALRPEVAEQTETMEQAMR
LLAPRVQPGDMVLLSPACASLDQFKNFEQRGNEFARLAKELGSHHHHHH
;
_entity_poly.pdbx_strand_id   A
#
loop_
_chem_comp.id
_chem_comp.type
_chem_comp.name
_chem_comp.formula
CL non-polymer 'CHLORIDE ION' 'Cl -1'
DMS non-polymer 'DIMETHYL SULFOXIDE' 'C2 H6 O S'
N04 non-polymer '(2R)-2-[[3-[[3-[(Z)-(2,4-dioxo-1,3-thiazolidin-5-ylidene)methyl]phenoxy]methyl]phenyl]carbonylamino]pentanedioic acid' 'C23 H20 N2 O8 S'
SO3 non-polymer 'SULFITE ION' 'O3 S -2'
SO4 non-polymer 'SULFATE ION' 'O4 S -2'
#
# COMPACT_ATOMS: atom_id res chain seq x y z
N ALA A 2 2.38 -2.96 28.36
CA ALA A 2 1.74 -4.29 28.58
C ALA A 2 2.76 -5.28 29.13
N ASP A 3 2.29 -6.26 29.91
CA ASP A 3 3.16 -7.33 30.43
C ASP A 3 2.62 -8.70 30.01
N TYR A 4 3.40 -9.43 29.22
CA TYR A 4 2.93 -10.68 28.62
C TYR A 4 3.46 -11.88 29.37
N GLN A 5 4.22 -11.63 30.43
CA GLN A 5 4.89 -12.72 31.10
C GLN A 5 3.83 -13.70 31.62
N GLY A 6 4.10 -14.97 31.39
CA GLY A 6 3.20 -16.02 31.88
C GLY A 6 2.05 -16.36 30.95
N LYS A 7 1.84 -15.54 29.92
CA LYS A 7 0.67 -15.73 29.04
C LYS A 7 0.92 -16.81 27.99
N ASN A 8 -0.14 -17.53 27.63
CA ASN A 8 -0.20 -18.41 26.48
C ASN A 8 -0.51 -17.58 25.22
N VAL A 9 0.48 -17.38 24.37
CA VAL A 9 0.34 -16.51 23.19
C VAL A 9 0.35 -17.37 21.93
N VAL A 10 -0.59 -17.10 21.04
CA VAL A 10 -0.64 -17.77 19.75
C VAL A 10 -0.52 -16.70 18.68
N ILE A 11 0.40 -16.93 17.75
CA ILE A 11 0.60 -16.03 16.61
C ILE A 11 0.07 -16.77 15.36
N ILE A 12 -0.82 -16.11 14.63
CA ILE A 12 -1.31 -16.62 13.35
C ILE A 12 -0.61 -15.94 12.20
N GLY A 13 0.13 -16.72 11.41
CA GLY A 13 0.77 -16.22 10.18
C GLY A 13 2.27 -16.10 10.34
N LEU A 14 3.01 -16.79 9.47
CA LEU A 14 4.45 -16.63 9.42
C LEU A 14 4.79 -15.69 8.27
N GLY A 15 6.07 -15.59 7.90
CA GLY A 15 6.50 -14.44 7.11
C GLY A 15 7.23 -13.45 7.99
N LEU A 16 7.71 -12.37 7.40
CA LEU A 16 8.60 -11.44 8.10
C LEU A 16 7.86 -10.84 9.31
N THR A 17 6.59 -10.59 9.13
CA THR A 17 5.81 -9.95 10.19
C THR A 17 5.49 -10.94 11.30
N GLY A 18 5.04 -12.14 10.94
CA GLY A 18 4.87 -13.23 11.90
C GLY A 18 6.16 -13.44 12.67
N LEU A 19 7.29 -13.43 11.94
CA LEU A 19 8.59 -13.65 12.58
C LEU A 19 8.96 -12.51 13.50
N SER A 20 8.55 -11.29 13.15
CA SER A 20 8.86 -10.17 14.02
C SER A 20 8.07 -10.30 15.33
N CYS A 21 6.86 -10.86 15.22
CA CYS A 21 6.06 -11.13 16.42
C CYS A 21 6.68 -12.23 17.29
N VAL A 22 7.13 -13.33 16.68
CA VAL A 22 7.82 -14.38 17.41
C VAL A 22 9.02 -13.80 18.18
N ASP A 23 9.84 -13.04 17.47
CA ASP A 23 11.02 -12.42 18.09
C ASP A 23 10.68 -11.44 19.21
N PHE A 24 9.64 -10.61 18.99
CA PHE A 24 9.12 -9.71 20.03
C PHE A 24 8.85 -10.44 21.35
N PHE A 25 8.11 -11.55 21.28
CA PHE A 25 7.72 -12.27 22.51
C PHE A 25 8.93 -12.99 23.10
N LEU A 26 9.75 -13.60 22.25
CA LEU A 26 10.89 -14.35 22.78
C LEU A 26 11.81 -13.39 23.56
N ALA A 27 12.01 -12.18 23.03
CA ALA A 27 12.92 -11.21 23.68
C ALA A 27 12.35 -10.72 24.99
N ARG A 28 11.08 -11.01 25.23
CA ARG A 28 10.41 -10.65 26.47
C ARG A 28 10.19 -11.86 27.38
N GLY A 29 10.87 -12.96 27.06
CA GLY A 29 10.78 -14.18 27.86
C GLY A 29 9.44 -14.89 27.77
N VAL A 30 8.79 -14.76 26.63
CA VAL A 30 7.54 -15.49 26.39
C VAL A 30 7.75 -16.32 25.14
N THR A 31 7.55 -17.64 25.23
CA THR A 31 7.59 -18.49 24.05
C THR A 31 6.17 -18.64 23.46
N PRO A 32 5.92 -18.01 22.32
CA PRO A 32 4.60 -18.14 21.68
C PRO A 32 4.52 -19.45 20.90
N ARG A 33 3.32 -19.80 20.44
CA ARG A 33 3.19 -20.84 19.43
C ARG A 33 2.68 -20.19 18.14
N VAL A 34 3.00 -20.79 17.00
CA VAL A 34 2.69 -20.20 15.71
C VAL A 34 1.83 -21.17 14.92
N MET A 35 0.82 -20.65 14.23
CA MET A 35 0.09 -21.43 13.24
C MET A 35 -0.13 -20.65 11.96
N ASP A 36 -0.35 -21.36 10.85
CA ASP A 36 -0.54 -20.69 9.56
C ASP A 36 -1.37 -21.65 8.73
N THR A 37 -2.40 -21.17 8.04
CA THR A 37 -3.31 -22.09 7.34
C THR A 37 -2.69 -22.63 6.07
N ARG A 38 -1.59 -22.01 5.64
CA ARG A 38 -0.90 -22.44 4.42
C ARG A 38 -0.11 -23.69 4.77
N MET A 39 -0.20 -24.68 3.90
CA MET A 39 0.57 -25.89 4.08
C MET A 39 2.06 -25.59 4.24
N THR A 40 2.58 -24.70 3.40
CA THR A 40 4.01 -24.35 3.49
C THR A 40 4.25 -22.84 3.43
N PRO A 41 4.20 -22.16 4.61
CA PRO A 41 4.28 -20.69 4.69
C PRO A 41 5.70 -20.15 4.57
N PRO A 42 5.84 -18.94 4.03
CA PRO A 42 7.14 -18.23 3.94
C PRO A 42 7.82 -18.07 5.30
N GLY A 43 9.12 -18.31 5.33
CA GLY A 43 9.91 -18.09 6.54
C GLY A 43 9.76 -19.19 7.58
N LEU A 44 9.04 -20.25 7.22
CA LEU A 44 8.96 -21.41 8.09
C LEU A 44 10.36 -21.87 8.51
N ASP A 45 11.30 -21.87 7.56
CA ASP A 45 12.65 -22.28 7.88
C ASP A 45 13.42 -21.29 8.73
N LYS A 46 12.94 -20.05 8.79
CA LYS A 46 13.57 -19.05 9.66
C LYS A 46 13.04 -19.08 11.09
N LEU A 47 12.01 -19.89 11.32
CA LEU A 47 11.43 -20.03 12.66
C LEU A 47 12.35 -20.87 13.55
N PRO A 48 12.71 -20.33 14.73
CA PRO A 48 13.58 -21.08 15.63
C PRO A 48 12.98 -22.43 16.02
N GLU A 49 13.83 -23.46 16.06
CA GLU A 49 13.43 -24.82 16.40
C GLU A 49 12.60 -24.91 17.68
N ALA A 50 12.91 -24.08 18.68
CA ALA A 50 12.24 -24.17 19.97
C ALA A 50 10.78 -23.66 19.94
N VAL A 51 10.37 -23.06 18.83
CA VAL A 51 9.02 -22.50 18.75
C VAL A 51 8.07 -23.54 18.14
N GLU A 52 7.06 -23.98 18.87
CA GLU A 52 6.10 -24.94 18.33
C GLU A 52 5.27 -24.29 17.24
N ARG A 53 4.99 -25.05 16.18
CA ARG A 53 4.22 -24.51 15.07
C ARG A 53 3.26 -25.57 14.52
N HIS A 54 2.19 -25.07 13.92
CA HIS A 54 1.12 -25.88 13.34
C HIS A 54 0.81 -25.25 11.98
N THR A 55 0.92 -26.02 10.90
CA THR A 55 0.66 -25.48 9.57
C THR A 55 -0.38 -26.27 8.80
N GLY A 56 -0.92 -25.65 7.75
CA GLY A 56 -1.95 -26.26 6.91
C GLY A 56 -3.39 -26.05 7.34
N SER A 57 -3.58 -25.41 8.50
CA SER A 57 -4.93 -25.12 9.03
C SER A 57 -4.73 -24.29 10.29
N LEU A 58 -5.83 -23.75 10.84
CA LEU A 58 -5.77 -23.23 12.20
C LEU A 58 -6.03 -24.41 13.17
N ASN A 59 -5.38 -24.33 14.32
CA ASN A 59 -5.54 -25.33 15.36
C ASN A 59 -6.42 -24.74 16.47
N ASP A 60 -7.66 -25.22 16.55
CA ASP A 60 -8.64 -24.65 17.49
C ASP A 60 -8.29 -25.01 18.92
N GLU A 61 -7.59 -26.12 19.10
CA GLU A 61 -7.15 -26.50 20.46
C GLU A 61 -6.20 -25.41 20.99
N TRP A 62 -5.27 -24.96 20.15
CA TRP A 62 -4.34 -23.91 20.59
C TRP A 62 -5.06 -22.58 20.73
N LEU A 63 -5.93 -22.25 19.78
CA LEU A 63 -6.58 -20.96 19.85
C LEU A 63 -7.46 -20.81 21.10
N MET A 64 -8.26 -21.83 21.35
CA MET A 64 -9.18 -21.76 22.49
C MET A 64 -8.47 -21.84 23.83
N ALA A 65 -7.20 -22.25 23.84
CA ALA A 65 -6.36 -22.33 25.05
C ALA A 65 -5.60 -21.04 25.31
N ALA A 66 -5.61 -20.14 24.32
CA ALA A 66 -4.71 -18.96 24.37
C ALA A 66 -5.21 -17.90 25.34
N ASP A 67 -4.27 -17.15 25.91
CA ASP A 67 -4.59 -15.90 26.61
C ASP A 67 -4.60 -14.69 25.64
N LEU A 68 -3.83 -14.77 24.56
CA LEU A 68 -3.71 -13.68 23.59
C LEU A 68 -3.43 -14.33 22.24
N ILE A 69 -4.18 -13.88 21.25
CA ILE A 69 -3.98 -14.27 19.85
C ILE A 69 -3.50 -13.05 19.09
N VAL A 70 -2.40 -13.22 18.40
CA VAL A 70 -1.82 -12.16 17.57
C VAL A 70 -2.05 -12.54 16.13
N ALA A 71 -2.96 -11.85 15.46
CA ALA A 71 -3.41 -12.28 14.15
C ALA A 71 -2.72 -11.43 13.06
N SER A 72 -2.04 -12.12 12.11
CA SER A 72 -1.55 -11.49 10.89
C SER A 72 -2.68 -10.76 10.20
N PRO A 73 -2.36 -9.65 9.55
CA PRO A 73 -3.38 -9.00 8.73
C PRO A 73 -3.91 -9.90 7.62
N GLY A 74 -3.18 -10.98 7.33
CA GLY A 74 -3.54 -11.91 6.29
C GLY A 74 -4.61 -12.93 6.65
N ILE A 75 -5.01 -12.99 7.91
CA ILE A 75 -6.11 -13.88 8.28
C ILE A 75 -7.33 -13.03 8.66
N ALA A 76 -8.50 -13.37 8.12
CA ALA A 76 -9.71 -12.61 8.44
C ALA A 76 -10.16 -12.79 9.91
N LEU A 77 -10.42 -11.68 10.61
CA LEU A 77 -11.08 -11.78 11.91
C LEU A 77 -12.37 -12.59 11.88
N ALA A 78 -13.04 -12.55 10.74
CA ALA A 78 -14.30 -13.27 10.61
C ALA A 78 -14.14 -14.76 10.38
N HIS A 79 -12.90 -15.25 10.26
CA HIS A 79 -12.67 -16.69 10.16
C HIS A 79 -13.38 -17.35 11.36
N PRO A 80 -14.16 -18.41 11.12
CA PRO A 80 -14.90 -19.08 12.19
C PRO A 80 -14.09 -19.42 13.44
N SER A 81 -12.85 -19.81 13.28
CA SER A 81 -11.98 -20.16 14.43
C SER A 81 -11.65 -18.93 15.28
N LEU A 82 -11.46 -17.79 14.62
CA LEU A 82 -11.19 -16.54 15.33
C LEU A 82 -12.43 -15.97 15.95
N SER A 83 -13.56 -16.05 15.25
CA SER A 83 -14.76 -15.53 15.85
C SER A 83 -15.22 -16.36 17.04
N ALA A 84 -14.99 -17.68 16.99
CA ALA A 84 -15.17 -18.53 18.17
C ALA A 84 -14.31 -18.06 19.36
N ALA A 85 -13.03 -17.76 19.09
CA ALA A 85 -12.17 -17.32 20.17
C ALA A 85 -12.63 -15.96 20.72
N ALA A 86 -13.01 -15.05 19.82
CA ALA A 86 -13.53 -13.74 20.23
C ALA A 86 -14.78 -13.88 21.11
N ASP A 87 -15.67 -14.77 20.71
CA ASP A 87 -16.91 -15.00 21.49
C ASP A 87 -16.60 -15.50 22.90
N ALA A 88 -15.49 -16.24 23.03
CA ALA A 88 -15.06 -16.78 24.29
C ALA A 88 -14.32 -15.74 25.14
N GLY A 89 -14.19 -14.52 24.62
CA GLY A 89 -13.52 -13.46 25.34
C GLY A 89 -11.99 -13.50 25.27
N ILE A 90 -11.44 -14.26 24.31
CA ILE A 90 -10.00 -14.29 24.15
C ILE A 90 -9.52 -13.09 23.35
N GLU A 91 -8.56 -12.37 23.93
CA GLU A 91 -8.07 -11.13 23.33
C GLU A 91 -7.36 -11.38 22.00
N ILE A 92 -7.68 -10.57 20.99
CA ILE A 92 -7.06 -10.70 19.67
C ILE A 92 -6.51 -9.34 19.29
N VAL A 93 -5.22 -9.32 18.95
CA VAL A 93 -4.55 -8.10 18.52
C VAL A 93 -3.72 -8.41 17.28
N GLY A 94 -3.12 -7.40 16.68
CA GLY A 94 -2.11 -7.67 15.65
C GLY A 94 -0.77 -7.03 16.00
N ASP A 95 0.19 -7.16 15.09
CA ASP A 95 1.51 -6.56 15.30
C ASP A 95 1.52 -5.04 15.56
N ILE A 96 0.67 -4.32 14.85
CA ILE A 96 0.57 -2.90 15.04
C ILE A 96 0.12 -2.51 16.46
N GLU A 97 -0.82 -3.30 17.01
CA GLU A 97 -1.28 -3.10 18.36
C GLU A 97 -0.13 -3.34 19.35
N LEU A 98 0.59 -4.43 19.17
CA LEU A 98 1.76 -4.69 20.02
C LEU A 98 2.74 -3.52 19.97
N PHE A 99 3.00 -3.03 18.77
CA PHE A 99 3.93 -1.91 18.56
C PHE A 99 3.44 -0.64 19.28
N CYS A 100 2.17 -0.29 19.08
CA CYS A 100 1.63 0.96 19.68
C CYS A 100 1.78 0.95 21.20
N ARG A 101 1.63 -0.23 21.81
CA ARG A 101 1.67 -0.35 23.28
C ARG A 101 3.09 -0.10 23.80
N GLU A 102 4.10 -0.24 22.93
CA GLU A 102 5.49 -0.12 23.35
C GLU A 102 6.17 1.15 22.87
N ALA A 103 5.68 1.72 21.76
CA ALA A 103 6.40 2.81 21.14
C ALA A 103 6.59 4.01 22.09
N GLN A 104 7.79 4.60 22.02
CA GLN A 104 8.16 5.75 22.87
C GLN A 104 8.50 7.01 22.08
N ALA A 105 7.98 7.08 20.86
CA ALA A 105 8.03 8.31 20.10
C ALA A 105 6.69 8.48 19.37
N PRO A 106 6.37 9.70 18.96
CA PRO A 106 5.14 9.98 18.23
C PRO A 106 5.07 9.16 16.96
N ILE A 107 3.82 8.85 16.56
CA ILE A 107 3.54 8.05 15.37
C ILE A 107 2.71 8.86 14.40
N VAL A 108 3.22 8.95 13.17
CA VAL A 108 2.43 9.44 12.04
C VAL A 108 1.88 8.19 11.36
N ALA A 109 0.57 8.14 11.15
CA ALA A 109 -0.08 6.94 10.62
C ALA A 109 -0.81 7.21 9.31
N ILE A 110 -0.52 6.40 8.28
CA ILE A 110 -1.04 6.68 6.92
C ILE A 110 -1.72 5.45 6.35
N THR A 111 -2.98 5.59 5.95
CA THR A 111 -3.66 4.52 5.20
C THR A 111 -4.34 5.11 3.98
N GLY A 112 -4.99 4.25 3.19
CA GLY A 112 -5.65 4.69 1.94
C GLY A 112 -5.59 3.58 0.91
N SER A 113 -6.44 3.67 -0.10
CA SER A 113 -6.41 2.68 -1.19
C SER A 113 -5.23 2.85 -2.17
N ASN A 114 -4.73 4.08 -2.31
CA ASN A 114 -3.60 4.37 -3.21
C ASN A 114 -2.81 5.52 -2.57
N GLY A 115 -1.49 5.52 -2.76
CA GLY A 115 -0.69 6.65 -2.32
C GLY A 115 -0.02 6.42 -0.96
N LYS A 116 -0.44 5.39 -0.23
CA LYS A 116 0.03 5.33 1.16
C LYS A 116 1.53 5.04 1.30
N SER A 117 2.12 4.23 0.43
CA SER A 117 3.59 3.99 0.51
C SER A 117 4.37 5.22 0.13
N THR A 118 3.92 5.90 -0.92
CA THR A 118 4.56 7.18 -1.34
C THR A 118 4.51 8.22 -0.25
N VAL A 119 3.33 8.44 0.32
CA VAL A 119 3.20 9.41 1.40
C VAL A 119 4.01 9.01 2.64
N THR A 120 3.96 7.74 3.03
CA THR A 120 4.75 7.24 4.16
C THR A 120 6.25 7.51 3.93
N THR A 121 6.72 7.18 2.73
CA THR A 121 8.13 7.37 2.44
C THR A 121 8.51 8.83 2.43
N LEU A 122 7.66 9.65 1.83
CA LEU A 122 7.90 11.10 1.79
C LEU A 122 8.01 11.68 3.18
N VAL A 123 7.06 11.38 4.07
CA VAL A 123 7.15 11.94 5.42
C VAL A 123 8.44 11.47 6.11
N GLY A 124 8.84 10.23 5.87
CA GLY A 124 10.13 9.70 6.38
C GLY A 124 11.29 10.56 5.89
N GLU A 125 11.26 10.89 4.60
CA GLU A 125 12.31 11.73 4.04
C GLU A 125 12.29 13.15 4.60
N MET A 126 11.10 13.67 4.85
CA MET A 126 10.97 14.98 5.48
C MET A 126 11.60 14.97 6.88
N ALA A 127 11.37 13.89 7.63
CA ALA A 127 11.97 13.75 8.94
C ALA A 127 13.49 13.67 8.88
N LYS A 128 14.01 12.87 7.95
CA LYS A 128 15.46 12.74 7.75
C LYS A 128 16.10 14.07 7.41
N ALA A 129 15.45 14.82 6.54
CA ALA A 129 15.94 16.16 6.18
C ALA A 129 16.02 17.14 7.34
N ALA A 130 15.22 16.91 8.39
CA ALA A 130 15.22 17.75 9.60
C ALA A 130 16.20 17.24 10.64
N GLY A 131 16.90 16.17 10.29
CA GLY A 131 17.83 15.47 11.18
C GLY A 131 17.18 14.73 12.33
N VAL A 132 15.96 14.27 12.11
CA VAL A 132 15.21 13.50 13.11
C VAL A 132 15.48 12.00 12.92
N ASN A 133 15.76 11.28 14.01
CA ASN A 133 15.94 9.85 13.93
C ASN A 133 14.57 9.17 13.77
N VAL A 134 14.31 8.64 12.57
CA VAL A 134 12.93 8.25 12.19
C VAL A 134 12.88 6.77 11.82
N GLY A 135 11.84 6.08 12.27
CA GLY A 135 11.63 4.71 11.85
C GLY A 135 10.46 4.69 10.90
N VAL A 136 10.67 4.16 9.69
CA VAL A 136 9.64 4.15 8.65
C VAL A 136 9.33 2.70 8.27
N GLY A 137 8.07 2.29 8.34
CA GLY A 137 7.74 0.93 7.91
C GLY A 137 6.29 0.62 8.19
N GLY A 138 6.03 -0.60 8.60
CA GLY A 138 4.69 -1.05 8.84
C GLY A 138 4.36 -1.98 7.70
N ASN A 139 3.38 -1.57 6.91
CA ASN A 139 2.86 -2.35 5.81
C ASN A 139 3.82 -2.24 4.62
N ILE A 140 4.80 -1.35 4.73
CA ILE A 140 5.98 -1.44 3.86
C ILE A 140 7.28 -1.50 4.64
N GLY A 141 8.40 -1.75 3.95
CA GLY A 141 9.71 -1.79 4.61
C GLY A 141 9.65 -2.80 5.75
N LEU A 142 10.34 -2.49 6.84
CA LEU A 142 10.25 -3.36 8.01
C LEU A 142 8.83 -3.45 8.61
N PRO A 143 8.42 -4.67 8.97
CA PRO A 143 7.39 -4.78 9.99
C PRO A 143 7.64 -3.80 11.14
N ALA A 144 6.57 -3.22 11.65
CA ALA A 144 6.69 -2.17 12.64
C ALA A 144 7.50 -2.60 13.87
N LEU A 145 7.33 -3.85 14.33
CA LEU A 145 8.06 -4.25 15.54
C LEU A 145 9.57 -4.25 15.34
N MET A 146 10.03 -4.40 14.10
CA MET A 146 11.47 -4.28 13.80
C MET A 146 12.02 -2.86 13.87
N LEU A 147 11.13 -1.86 13.92
CA LEU A 147 11.53 -0.46 14.02
C LEU A 147 11.73 -0.03 15.47
N LEU A 148 11.17 -0.75 16.44
CA LEU A 148 11.18 -0.26 17.82
C LEU A 148 12.61 -0.04 18.31
N ASP A 149 12.89 1.19 18.73
CA ASP A 149 14.26 1.55 19.14
C ASP A 149 14.14 2.78 20.03
N ASP A 150 14.77 2.72 21.21
CA ASP A 150 14.74 3.85 22.17
C ASP A 150 15.26 5.17 21.66
N GLU A 151 16.10 5.14 20.62
CA GLU A 151 16.65 6.37 20.07
C GLU A 151 15.78 6.96 18.97
N CYS A 152 14.76 6.21 18.53
CA CYS A 152 13.84 6.73 17.55
CA CYS A 152 13.81 6.72 17.54
C CYS A 152 13.08 7.91 18.11
N GLU A 153 12.97 8.98 17.32
CA GLU A 153 12.29 10.21 17.73
C GLU A 153 10.96 10.41 17.05
N LEU A 154 10.72 9.63 15.98
CA LEU A 154 9.45 9.71 15.24
C LEU A 154 9.27 8.39 14.49
N TYR A 155 8.05 7.85 14.48
CA TYR A 155 7.73 6.69 13.66
C TYR A 155 6.77 7.13 12.59
N VAL A 156 6.92 6.59 11.39
CA VAL A 156 6.00 6.91 10.29
C VAL A 156 5.57 5.56 9.75
N LEU A 157 4.29 5.22 9.96
CA LEU A 157 3.79 3.88 9.64
C LEU A 157 2.76 3.91 8.53
N GLU A 158 3.01 3.09 7.51
CA GLU A 158 1.97 2.74 6.54
C GLU A 158 1.12 1.64 7.13
N LEU A 159 -0.19 1.88 7.20
CA LEU A 159 -1.07 0.91 7.83
C LEU A 159 -2.12 0.46 6.84
N SER A 160 -2.38 -0.85 6.79
CA SER A 160 -3.47 -1.35 5.93
C SER A 160 -4.79 -1.38 6.70
N SER A 161 -5.89 -1.46 5.95
CA SER A 161 -7.21 -1.62 6.57
C SER A 161 -7.20 -2.85 7.49
N PHE A 162 -6.55 -3.95 7.06
CA PHE A 162 -6.48 -5.18 7.86
C PHE A 162 -5.75 -4.98 9.17
N GLN A 163 -4.60 -4.32 9.14
CA GLN A 163 -3.88 -4.04 10.38
C GLN A 163 -4.72 -3.18 11.31
N LEU A 164 -5.46 -2.25 10.74
CA LEU A 164 -6.24 -1.34 11.58
C LEU A 164 -7.38 -2.10 12.30
N GLU A 165 -7.94 -3.11 11.66
CA GLU A 165 -9.03 -3.89 12.30
C GLU A 165 -8.62 -4.47 13.66
N THR A 166 -7.34 -4.81 13.79
CA THR A 166 -6.83 -5.44 15.05
C THR A 166 -6.09 -4.47 15.94
N THR A 167 -6.19 -3.17 15.67
CA THR A 167 -5.46 -2.16 16.47
C THR A 167 -6.45 -1.29 17.27
N SER A 168 -6.16 -1.11 18.56
CA SER A 168 -7.04 -0.34 19.43
C SER A 168 -6.30 0.76 20.20
N SER A 169 -4.98 0.68 20.26
CA SER A 169 -4.20 1.63 21.09
C SER A 169 -3.39 2.69 20.33
N LEU A 170 -3.66 2.88 19.05
CA LEU A 170 -2.95 3.90 18.28
C LEU A 170 -3.49 5.27 18.69
N GLN A 171 -2.59 6.15 19.10
CA GLN A 171 -2.88 7.55 19.28
C GLN A 171 -1.90 8.36 18.44
N ALA A 172 -2.19 8.42 17.15
CA ALA A 172 -1.28 9.08 16.19
C ALA A 172 -1.13 10.56 16.49
N VAL A 173 0.08 11.09 16.33
CA VAL A 173 0.26 12.55 16.33
C VAL A 173 -0.44 13.15 15.09
N ALA A 174 -0.47 12.39 14.00
CA ALA A 174 -1.13 12.86 12.80
C ALA A 174 -1.51 11.60 12.03
N ALA A 175 -2.75 11.53 11.58
CA ALA A 175 -3.24 10.35 10.85
C ALA A 175 -4.01 10.78 9.63
N THR A 176 -3.88 9.97 8.57
CA THR A 176 -4.64 10.24 7.34
C THR A 176 -5.24 8.96 6.74
N ILE A 177 -6.42 9.11 6.14
CA ILE A 177 -6.88 8.23 5.05
C ILE A 177 -6.79 9.02 3.74
N LEU A 178 -5.92 8.57 2.83
CA LEU A 178 -5.66 9.41 1.64
C LEU A 178 -6.82 9.37 0.65
N ASN A 179 -7.48 8.22 0.60
CA ASN A 179 -8.63 8.03 -0.32
C ASN A 179 -9.20 6.65 -0.01
N VAL A 180 -10.43 6.38 -0.48
CA VAL A 180 -11.04 5.07 -0.25
C VAL A 180 -11.70 4.70 -1.57
N THR A 181 -11.11 3.75 -2.27
CA THR A 181 -11.72 3.22 -3.47
C THR A 181 -11.76 1.71 -3.40
N GLU A 182 -12.75 1.12 -4.07
CA GLU A 182 -13.01 -0.30 -3.88
C GLU A 182 -11.75 -1.18 -3.92
N ASP A 183 -11.51 -1.94 -2.86
CA ASP A 183 -10.38 -2.90 -2.84
C ASP A 183 -10.68 -3.94 -1.77
N HIS A 184 -10.02 -5.10 -1.86
CA HIS A 184 -10.12 -6.13 -0.81
C HIS A 184 -11.54 -6.61 -0.57
N MET A 185 -12.38 -6.58 -1.60
CA MET A 185 -13.77 -6.97 -1.40
C MET A 185 -13.92 -8.45 -1.04
N ASP A 186 -12.89 -9.25 -1.38
CA ASP A 186 -12.85 -10.63 -0.91
C ASP A 186 -12.77 -10.78 0.61
N ARG A 187 -12.38 -9.71 1.29
CA ARG A 187 -12.19 -9.70 2.75
C ARG A 187 -13.24 -8.84 3.45
N TYR A 188 -14.12 -8.20 2.66
CA TYR A 188 -15.14 -7.29 3.23
C TYR A 188 -16.51 -7.61 2.64
N PRO A 189 -17.17 -8.61 3.19
CA PRO A 189 -18.45 -9.05 2.60
C PRO A 189 -19.59 -8.10 2.92
N PHE A 190 -19.35 -7.11 3.79
CA PHE A 190 -20.27 -5.96 3.87
C PHE A 190 -19.85 -4.75 3.06
N GLY A 191 -18.96 -5.01 2.09
CA GLY A 191 -18.74 -4.06 0.98
C GLY A 191 -17.94 -2.82 1.34
N LEU A 192 -18.16 -1.77 0.54
CA LEU A 192 -17.33 -0.59 0.61
C LEU A 192 -17.34 0.05 2.00
N GLN A 193 -18.51 0.16 2.62
CA GLN A 193 -18.57 0.85 3.90
C GLN A 193 -17.86 0.07 5.00
N GLN A 194 -17.82 -1.26 4.90
CA GLN A 194 -17.10 -2.06 5.89
C GLN A 194 -15.58 -1.86 5.76
N TYR A 195 -15.11 -1.87 4.53
CA TYR A 195 -13.71 -1.54 4.21
C TYR A 195 -13.35 -0.12 4.73
N ARG A 196 -14.21 0.85 4.40
CA ARG A 196 -14.00 2.22 4.90
C ARG A 196 -13.93 2.26 6.43
N ALA A 197 -14.85 1.57 7.10
CA ALA A 197 -14.89 1.58 8.55
C ALA A 197 -13.58 1.11 9.15
N ALA A 198 -12.98 0.09 8.53
CA ALA A 198 -11.68 -0.37 9.02
C ALA A 198 -10.66 0.78 8.95
N KCX A 199 -10.63 1.50 7.82
CA KCX A 199 -9.69 2.62 7.70
CB KCX A 199 -9.59 3.13 6.25
CG KCX A 199 -8.98 2.12 5.26
CD KCX A 199 -8.72 2.81 3.92
CE KCX A 199 -8.05 1.87 2.89
NZ KCX A 199 -6.83 1.21 3.42
C KCX A 199 -10.00 3.79 8.66
O KCX A 199 -9.07 4.42 9.18
CX KCX A 199 -6.18 0.23 2.77
OQ1 KCX A 199 -5.15 -0.27 3.30
OQ2 KCX A 199 -6.57 -0.18 1.63
N LEU A 200 -11.28 4.04 8.95
CA LEU A 200 -11.66 5.13 9.83
C LEU A 200 -11.13 4.93 11.24
N ARG A 201 -10.82 3.69 11.61
CA ARG A 201 -10.19 3.43 12.89
C ARG A 201 -8.93 4.26 13.13
N ILE A 202 -8.23 4.65 12.06
CA ILE A 202 -6.92 5.28 12.18
C ILE A 202 -7.04 6.65 12.86
N TYR A 203 -8.23 7.25 12.79
CA TYR A 203 -8.44 8.58 13.34
C TYR A 203 -8.72 8.58 14.84
N GLU A 204 -9.02 7.40 15.39
CA GLU A 204 -9.44 7.33 16.80
C GLU A 204 -8.28 7.76 17.69
N ASN A 205 -8.50 8.78 18.53
CA ASN A 205 -7.47 9.32 19.40
C ASN A 205 -6.26 9.94 18.68
N ALA A 206 -6.40 10.25 17.40
CA ALA A 206 -5.33 10.97 16.69
C ALA A 206 -5.36 12.43 17.09
N LYS A 207 -4.18 13.04 17.23
CA LYS A 207 -4.12 14.43 17.68
C LYS A 207 -4.56 15.36 16.55
N VAL A 208 -4.08 15.06 15.34
CA VAL A 208 -4.51 15.79 14.13
C VAL A 208 -5.00 14.74 13.14
N CYS A 209 -6.17 14.96 12.53
CA CYS A 209 -6.62 14.11 11.42
CA CYS A 209 -6.59 14.12 11.40
C CYS A 209 -6.46 14.88 10.12
N VAL A 210 -5.91 14.22 9.11
CA VAL A 210 -5.71 14.83 7.82
C VAL A 210 -6.59 14.12 6.80
N VAL A 211 -7.55 14.85 6.22
CA VAL A 211 -8.51 14.25 5.31
C VAL A 211 -8.38 14.78 3.90
N ASN A 212 -8.99 14.06 2.96
CA ASN A 212 -8.94 14.42 1.54
C ASN A 212 -10.22 15.17 1.19
N ALA A 213 -10.07 16.48 0.94
CA ALA A 213 -11.25 17.33 0.68
C ALA A 213 -12.05 16.84 -0.53
N ASP A 214 -11.40 16.08 -1.39
CA ASP A 214 -12.02 15.60 -2.64
C ASP A 214 -12.60 14.18 -2.54
N ASP A 215 -12.50 13.57 -1.35
CA ASP A 215 -12.98 12.21 -1.15
C ASP A 215 -13.71 12.10 0.19
N ALA A 216 -15.04 12.21 0.13
CA ALA A 216 -15.85 12.30 1.35
C ALA A 216 -15.69 11.06 2.25
N LEU A 217 -15.31 9.94 1.66
CA LEU A 217 -15.20 8.69 2.43
C LEU A 217 -13.99 8.74 3.38
N THR A 218 -13.06 9.66 3.09
CA THR A 218 -11.93 9.84 4.02
C THR A 218 -12.28 10.60 5.30
N MET A 219 -13.49 11.14 5.38
CA MET A 219 -13.86 11.96 6.53
C MET A 219 -14.48 11.12 7.62
N PRO A 220 -14.16 11.41 8.88
CA PRO A 220 -14.87 10.72 9.95
C PRO A 220 -16.40 10.80 9.79
N ILE A 221 -17.10 9.81 10.33
CA ILE A 221 -18.55 9.77 10.32
C ILE A 221 -19.11 10.85 11.25
N ARG A 227 -13.09 19.50 12.09
CA ARG A 227 -11.91 19.73 12.90
C ARG A 227 -10.69 18.96 12.34
N CYS A 228 -10.84 18.33 11.17
CA CYS A 228 -9.67 17.78 10.48
C CYS A 228 -9.01 18.83 9.60
N VAL A 229 -7.69 18.72 9.46
CA VAL A 229 -6.95 19.41 8.40
C VAL A 229 -7.23 18.72 7.07
N SER A 230 -7.35 19.48 5.99
CA SER A 230 -7.64 18.88 4.71
C SER A 230 -6.62 19.19 3.61
N PHE A 231 -6.49 18.27 2.67
CA PHE A 231 -5.81 18.56 1.45
C PHE A 231 -6.72 18.30 0.25
N GLY A 232 -6.46 18.99 -0.86
CA GLY A 232 -7.25 18.74 -2.04
C GLY A 232 -6.64 19.43 -3.24
N VAL A 233 -7.34 19.33 -4.36
CA VAL A 233 -6.84 19.88 -5.61
C VAL A 233 -7.20 21.36 -5.66
N ASN A 234 -8.49 21.67 -5.64
CA ASN A 234 -8.91 23.06 -5.79
C ASN A 234 -9.34 23.61 -4.44
N MET A 235 -9.64 22.73 -3.51
CA MET A 235 -10.07 23.15 -2.19
C MET A 235 -9.27 22.41 -1.11
N GLY A 236 -9.32 22.93 0.11
CA GLY A 236 -8.59 22.32 1.25
C GLY A 236 -7.58 23.24 1.90
N ASP A 237 -7.22 22.96 3.15
CA ASP A 237 -6.18 23.73 3.80
C ASP A 237 -4.87 23.69 3.03
N TYR A 238 -4.52 22.51 2.53
CA TYR A 238 -3.40 22.29 1.63
C TYR A 238 -3.98 22.01 0.26
N HIS A 239 -3.57 22.77 -0.76
CA HIS A 239 -4.19 22.61 -2.08
C HIS A 239 -3.24 23.07 -3.18
N LEU A 240 -3.68 22.90 -4.42
CA LEU A 240 -2.86 23.25 -5.57
C LEU A 240 -3.36 24.57 -6.18
N ASN A 241 -2.44 25.33 -6.75
CA ASN A 241 -2.74 26.63 -7.39
C ASN A 241 -2.15 26.48 -8.77
N HIS A 242 -2.98 26.43 -9.81
CA HIS A 242 -2.52 26.36 -11.18
C HIS A 242 -2.29 27.76 -11.77
N GLN A 243 -1.16 27.92 -12.45
CA GLN A 243 -0.70 29.20 -12.97
C GLN A 243 -0.11 28.96 -14.36
N GLN A 244 -0.94 29.07 -15.40
CA GLN A 244 -0.45 29.08 -16.78
C GLN A 244 0.55 27.96 -17.06
N GLY A 245 0.07 26.72 -17.04
CA GLY A 245 0.94 25.55 -17.13
C GLY A 245 2.04 25.51 -16.07
N GLU A 246 1.69 25.89 -14.85
CA GLU A 246 2.58 25.75 -13.70
C GLU A 246 1.69 25.38 -12.55
N THR A 247 2.18 24.52 -11.67
CA THR A 247 1.41 24.15 -10.49
C THR A 247 2.21 24.44 -9.24
N TRP A 248 1.53 24.97 -8.24
CA TRP A 248 2.14 25.23 -6.94
C TRP A 248 1.40 24.45 -5.86
N LEU A 249 2.17 23.97 -4.89
CA LEU A 249 1.61 23.57 -3.59
C LEU A 249 1.37 24.82 -2.77
N ARG A 250 0.20 24.91 -2.15
CA ARG A 250 -0.12 26.06 -1.28
C ARG A 250 -0.66 25.58 0.06
N VAL A 251 -0.39 26.34 1.11
CA VAL A 251 -1.04 26.15 2.40
C VAL A 251 -1.86 27.41 2.70
N LYS A 252 -3.19 27.26 2.80
CA LYS A 252 -4.08 28.40 3.11
C LYS A 252 -3.79 29.67 2.31
N GLY A 253 -3.69 29.56 1.00
CA GLY A 253 -3.47 30.78 0.21
C GLY A 253 -1.99 31.10 -0.09
N GLU A 254 -1.09 30.58 0.74
CA GLU A 254 0.34 30.87 0.59
C GLU A 254 1.08 29.83 -0.27
N LYS A 255 1.76 30.30 -1.33
CA LYS A 255 2.58 29.40 -2.13
C LYS A 255 3.74 28.90 -1.27
N VAL A 256 3.97 27.58 -1.33
CA VAL A 256 5.11 26.98 -0.65
C VAL A 256 6.06 26.22 -1.59
N LEU A 257 5.57 25.76 -2.74
CA LEU A 257 6.49 25.06 -3.66
C LEU A 257 5.97 25.01 -5.08
N ASN A 258 6.80 25.43 -6.04
CA ASN A 258 6.48 25.24 -7.44
C ASN A 258 6.87 23.80 -7.81
N VAL A 259 5.91 23.01 -8.31
CA VAL A 259 6.16 21.59 -8.46
C VAL A 259 7.22 21.26 -9.51
N LYS A 260 7.66 22.24 -10.27
CA LYS A 260 8.81 22.02 -11.15
C LYS A 260 10.07 21.61 -10.38
N GLU A 261 10.09 21.90 -9.08
CA GLU A 261 11.23 21.54 -8.23
C GLU A 261 11.11 20.09 -7.73
N MET A 262 9.95 19.48 -7.93
CA MET A 262 9.76 18.06 -7.54
C MET A 262 10.27 17.14 -8.63
N LYS A 263 10.78 15.98 -8.24
CA LYS A 263 11.12 14.94 -9.23
C LYS A 263 9.88 14.12 -9.61
N LEU A 264 8.94 13.95 -8.68
CA LEU A 264 7.62 13.35 -8.97
C LEU A 264 6.77 14.28 -9.85
N SER A 265 5.93 13.69 -10.69
CA SER A 265 5.04 14.47 -11.53
CA SER A 265 5.02 14.48 -11.49
C SER A 265 3.63 13.88 -11.45
N GLY A 266 2.66 14.61 -12.00
CA GLY A 266 1.30 14.12 -12.00
C GLY A 266 0.49 14.62 -10.82
N GLN A 267 -0.76 15.01 -11.09
CA GLN A 267 -1.64 15.51 -10.06
C GLN A 267 -1.72 14.66 -8.79
N HIS A 268 -1.86 13.34 -8.92
CA HIS A 268 -2.04 12.58 -7.68
C HIS A 268 -0.74 12.57 -6.87
N ASN A 269 0.41 12.76 -7.51
CA ASN A 269 1.63 12.91 -6.73
C ASN A 269 1.76 14.25 -6.09
N TYR A 270 1.19 15.27 -6.72
CA TYR A 270 1.09 16.58 -6.03
C TYR A 270 0.18 16.53 -4.83
N THR A 271 -0.95 15.80 -4.92
CA THR A 271 -1.77 15.70 -3.72
C THR A 271 -1.16 14.77 -2.67
N ASN A 272 -0.41 13.76 -3.09
CA ASN A 272 0.42 13.01 -2.11
C ASN A 272 1.41 13.93 -1.39
N ALA A 273 2.00 14.88 -2.12
CA ALA A 273 2.98 15.78 -1.51
C ALA A 273 2.26 16.69 -0.50
N LEU A 274 1.04 17.16 -0.85
CA LEU A 274 0.27 17.99 0.11
C LEU A 274 -0.05 17.21 1.37
N ALA A 275 -0.47 15.95 1.20
CA ALA A 275 -0.81 15.15 2.37
C ALA A 275 0.41 14.93 3.24
N ALA A 276 1.54 14.66 2.60
CA ALA A 276 2.80 14.45 3.33
C ALA A 276 3.17 15.73 4.11
N LEU A 277 3.02 16.89 3.48
CA LEU A 277 3.38 18.13 4.14
C LEU A 277 2.44 18.39 5.32
N ALA A 278 1.16 18.09 5.14
CA ALA A 278 0.19 18.29 6.22
C ALA A 278 0.55 17.43 7.43
N LEU A 279 0.89 16.17 7.17
CA LEU A 279 1.28 15.27 8.26
C LEU A 279 2.58 15.75 8.92
N ALA A 280 3.52 16.15 8.09
CA ALA A 280 4.83 16.58 8.62
C ALA A 280 4.68 17.84 9.47
N ASP A 281 3.86 18.77 9.00
CA ASP A 281 3.55 19.99 9.78
C ASP A 281 2.94 19.64 11.14
N ALA A 282 1.97 18.72 11.12
CA ALA A 282 1.28 18.34 12.34
C ALA A 282 2.21 17.61 13.31
N ALA A 283 3.22 16.93 12.75
CA ALA A 283 4.21 16.22 13.55
C ALA A 283 5.31 17.17 14.06
N GLY A 284 5.20 18.45 13.73
CA GLY A 284 6.17 19.44 14.23
C GLY A 284 7.47 19.53 13.47
N LEU A 285 7.54 18.92 12.28
CA LEU A 285 8.75 19.03 11.45
C LEU A 285 8.85 20.40 10.80
N PRO A 286 10.07 20.95 10.73
CA PRO A 286 10.25 22.27 10.11
C PRO A 286 9.82 22.25 8.63
N ARG A 287 9.03 23.24 8.25
CA ARG A 287 8.48 23.30 6.91
C ARG A 287 9.58 23.35 5.84
N ALA A 288 10.64 24.11 6.12
CA ALA A 288 11.74 24.26 5.18
C ALA A 288 12.42 22.95 4.76
N SER A 289 12.78 22.11 5.73
CA SER A 289 13.39 20.81 5.45
C SER A 289 12.37 19.87 4.79
N SER A 290 11.10 20.04 5.12
CA SER A 290 10.09 19.17 4.51
C SER A 290 9.96 19.46 3.03
N LEU A 291 10.04 20.74 2.67
CA LEU A 291 10.01 21.14 1.26
C LEU A 291 11.25 20.61 0.57
N LYS A 292 12.39 20.69 1.23
CA LYS A 292 13.62 20.16 0.64
C LYS A 292 13.47 18.67 0.28
N ALA A 293 12.90 17.89 1.20
CA ALA A 293 12.66 16.47 0.96
C ALA A 293 11.79 16.25 -0.27
N LEU A 294 10.81 17.13 -0.48
CA LEU A 294 9.98 17.03 -1.68
C LEU A 294 10.76 17.15 -2.99
N THR A 295 11.87 17.87 -2.97
CA THR A 295 12.65 18.11 -4.18
C THR A 295 13.61 16.97 -4.49
N THR A 296 13.92 16.15 -3.50
CA THR A 296 14.93 15.13 -3.68
C THR A 296 14.28 13.75 -3.89
N PHE A 297 13.03 13.59 -3.44
CA PHE A 297 12.39 12.26 -3.51
C PHE A 297 12.10 11.79 -4.95
N THR A 298 12.60 10.59 -5.31
CA THR A 298 12.56 10.13 -6.70
C THR A 298 11.37 9.22 -7.02
N GLY A 299 10.72 8.69 -5.99
CA GLY A 299 9.61 7.78 -6.23
C GLY A 299 10.03 6.38 -5.83
N LEU A 300 9.06 5.48 -5.73
CA LEU A 300 9.30 4.12 -5.27
C LEU A 300 9.39 3.18 -6.47
N PRO A 301 10.16 2.09 -6.35
CA PRO A 301 10.16 1.01 -7.36
C PRO A 301 8.72 0.49 -7.57
N HIS A 302 8.40 0.13 -8.81
CA HIS A 302 7.08 -0.42 -9.14
C HIS A 302 5.94 0.56 -9.10
N ARG A 303 6.24 1.83 -8.83
CA ARG A 303 5.20 2.88 -8.83
CA ARG A 303 5.18 2.82 -8.85
C ARG A 303 5.35 3.76 -10.04
N PHE A 304 4.59 3.47 -11.10
CA PHE A 304 4.73 4.14 -12.37
C PHE A 304 6.19 4.41 -12.72
N GLU A 305 6.97 3.34 -12.67
CA GLU A 305 8.41 3.47 -12.79
C GLU A 305 8.85 3.19 -14.23
N VAL A 306 9.55 4.15 -14.84
CA VAL A 306 10.10 3.91 -16.17
C VAL A 306 11.30 2.96 -16.04
N VAL A 307 11.15 1.74 -16.54
CA VAL A 307 12.25 0.80 -16.46
C VAL A 307 13.10 0.77 -17.72
N LEU A 308 12.51 1.19 -18.84
CA LEU A 308 13.27 1.30 -20.09
C LEU A 308 12.64 2.39 -20.94
N GLU A 309 13.46 3.33 -21.42
CA GLU A 309 13.04 4.24 -22.47
C GLU A 309 14.06 4.16 -23.59
N HIS A 310 13.68 3.53 -24.69
CA HIS A 310 14.62 3.15 -25.74
C HIS A 310 13.90 3.00 -27.07
N ASN A 311 14.53 3.46 -28.14
CA ASN A 311 13.96 3.30 -29.47
C ASN A 311 12.55 3.88 -29.61
N GLY A 312 12.28 4.93 -28.86
CA GLY A 312 11.01 5.60 -28.99
C GLY A 312 9.89 4.99 -28.18
N VAL A 313 10.21 4.01 -27.30
CA VAL A 313 9.18 3.34 -26.50
C VAL A 313 9.49 3.46 -25.00
N ARG A 314 8.47 3.85 -24.23
CA ARG A 314 8.59 3.89 -22.77
C ARG A 314 7.94 2.63 -22.21
N TRP A 315 8.70 1.88 -21.43
CA TRP A 315 8.17 0.69 -20.73
C TRP A 315 8.04 1.01 -19.24
N ILE A 316 6.80 0.98 -18.73
CA ILE A 316 6.52 1.54 -17.40
C ILE A 316 6.04 0.41 -16.48
N ASN A 317 6.75 0.22 -15.38
CA ASN A 317 6.42 -0.76 -14.38
C ASN A 317 5.56 -0.07 -13.30
N ASP A 318 4.25 -0.28 -13.38
CA ASP A 318 3.34 0.18 -12.32
C ASP A 318 2.74 -1.04 -11.65
N SER A 319 3.57 -2.04 -11.37
CA SER A 319 3.09 -3.24 -10.71
C SER A 319 2.45 -2.98 -9.33
N LYS A 320 2.77 -1.88 -8.70
CA LYS A 320 2.11 -1.58 -7.43
C LYS A 320 0.62 -1.22 -7.58
N ALA A 321 0.13 -1.02 -8.80
CA ALA A 321 -1.31 -0.86 -9.04
C ALA A 321 -2.03 -2.18 -8.87
N THR A 322 -2.46 -2.43 -7.63
CA THR A 322 -3.13 -3.69 -7.28
C THR A 322 -4.63 -3.51 -7.08
N ASN A 323 -5.13 -2.34 -7.45
CA ASN A 323 -6.57 -2.11 -7.46
C ASN A 323 -6.98 -1.18 -8.60
N VAL A 324 -8.29 -1.04 -8.81
CA VAL A 324 -8.81 -0.28 -9.94
C VAL A 324 -8.46 1.18 -9.79
N GLY A 325 -8.62 1.73 -8.59
CA GLY A 325 -8.35 3.16 -8.35
C GLY A 325 -6.90 3.50 -8.70
N SER A 326 -5.99 2.60 -8.42
CA SER A 326 -4.58 2.83 -8.75
C SER A 326 -4.34 2.85 -10.26
N THR A 327 -4.91 1.88 -10.99
CA THR A 327 -4.81 1.91 -12.44
C THR A 327 -5.48 3.14 -13.02
N GLU A 328 -6.63 3.53 -12.45
CA GLU A 328 -7.29 4.75 -12.89
C GLU A 328 -6.36 5.95 -12.73
N ALA A 329 -5.63 6.03 -11.62
CA ALA A 329 -4.67 7.12 -11.42
C ALA A 329 -3.54 7.14 -12.45
N ALA A 330 -3.15 5.95 -12.93
CA ALA A 330 -2.13 5.88 -13.98
C ALA A 330 -2.70 6.37 -15.33
N LEU A 331 -3.96 6.02 -15.63
CA LEU A 331 -4.53 6.27 -16.96
C LEU A 331 -5.17 7.66 -17.09
N ASN A 332 -5.65 8.22 -15.99
CA ASN A 332 -6.34 9.50 -16.05
C ASN A 332 -5.38 10.63 -16.41
N GLY A 333 -5.65 11.27 -17.54
CA GLY A 333 -4.76 12.30 -18.07
C GLY A 333 -3.48 11.82 -18.72
N LEU A 334 -3.36 10.51 -18.93
CA LEU A 334 -2.10 9.92 -19.43
C LEU A 334 -1.87 10.40 -20.87
N HIS A 335 -0.66 10.90 -21.15
CA HIS A 335 -0.30 11.22 -22.53
C HIS A 335 0.50 10.14 -23.24
N VAL A 336 -0.01 9.64 -24.36
CA VAL A 336 0.70 8.63 -25.17
C VAL A 336 0.77 9.11 -26.62
N ASP A 337 1.96 9.10 -27.20
CA ASP A 337 2.06 9.64 -28.57
C ASP A 337 1.46 8.66 -29.58
N GLY A 338 1.79 7.38 -29.42
CA GLY A 338 1.31 6.35 -30.31
C GLY A 338 0.24 5.49 -29.66
N THR A 339 0.53 4.19 -29.54
CA THR A 339 -0.40 3.24 -28.94
C THR A 339 0.01 2.94 -27.52
N LEU A 340 -0.98 2.89 -26.62
CA LEU A 340 -0.78 2.32 -25.28
C LEU A 340 -1.03 0.82 -25.31
N HIS A 341 -0.02 0.06 -24.90
CA HIS A 341 -0.17 -1.38 -24.70
C HIS A 341 -0.23 -1.63 -23.21
N LEU A 342 -1.44 -1.92 -22.72
CA LEU A 342 -1.72 -1.96 -21.28
C LEU A 342 -1.85 -3.40 -20.85
N LEU A 343 -1.08 -3.76 -19.83
CA LEU A 343 -1.11 -5.11 -19.25
C LEU A 343 -1.98 -5.07 -18.00
N LEU A 344 -3.04 -5.92 -18.01
CA LEU A 344 -3.99 -6.01 -16.90
C LEU A 344 -4.07 -7.46 -16.49
N GLY A 345 -4.17 -7.73 -15.19
CA GLY A 345 -4.31 -9.13 -14.84
C GLY A 345 -3.89 -9.53 -13.45
N GLY A 346 -4.34 -10.73 -13.07
CA GLY A 346 -4.05 -11.32 -11.74
C GLY A 346 -5.34 -11.57 -10.98
N ASP A 347 -5.28 -11.43 -9.66
CA ASP A 347 -6.43 -11.67 -8.77
C ASP A 347 -7.10 -10.34 -8.47
N GLY A 348 -8.25 -10.11 -9.10
CA GLY A 348 -8.97 -8.84 -8.97
C GLY A 348 -9.75 -8.67 -7.69
N LYS A 349 -9.73 -9.69 -6.82
CA LYS A 349 -10.34 -9.57 -5.49
C LYS A 349 -11.83 -9.19 -5.57
N SER A 350 -12.50 -9.68 -6.60
CA SER A 350 -13.92 -9.40 -6.85
C SER A 350 -14.24 -7.93 -7.12
N ALA A 351 -13.24 -7.14 -7.54
CA ALA A 351 -13.47 -5.74 -7.88
C ALA A 351 -14.34 -5.59 -9.13
N ASP A 352 -15.09 -4.49 -9.19
CA ASP A 352 -15.70 -4.01 -10.42
C ASP A 352 -14.66 -3.27 -11.25
N PHE A 353 -14.30 -3.87 -12.38
CA PHE A 353 -13.31 -3.28 -13.28
C PHE A 353 -13.92 -2.19 -14.19
N SER A 354 -15.25 -2.06 -14.18
CA SER A 354 -15.97 -1.14 -15.06
C SER A 354 -15.42 0.29 -15.11
N PRO A 355 -15.00 0.84 -13.95
CA PRO A 355 -14.52 2.23 -14.02
C PRO A 355 -13.34 2.44 -14.96
N LEU A 356 -12.67 1.37 -15.38
CA LEU A 356 -11.51 1.51 -16.25
C LEU A 356 -11.93 1.76 -17.71
N ALA A 357 -13.16 1.34 -18.05
CA ALA A 357 -13.59 1.31 -19.46
C ALA A 357 -13.54 2.69 -20.09
N ARG A 358 -13.82 3.74 -19.33
CA ARG A 358 -13.87 5.08 -19.92
C ARG A 358 -12.51 5.56 -20.42
N TYR A 359 -11.45 4.87 -20.00
CA TYR A 359 -10.09 5.26 -20.38
C TYR A 359 -9.58 4.49 -21.57
N LEU A 360 -10.40 3.56 -22.05
CA LEU A 360 -9.93 2.57 -22.98
C LEU A 360 -10.55 2.73 -24.38
N ASN A 361 -11.18 3.87 -24.62
CA ASN A 361 -11.73 4.17 -25.95
C ASN A 361 -10.69 4.59 -26.99
N GLY A 362 -11.08 4.58 -28.25
CA GLY A 362 -10.27 5.19 -29.30
C GLY A 362 -9.38 4.17 -29.99
N ASP A 363 -8.55 4.67 -30.89
CA ASP A 363 -7.84 3.83 -31.85
C ASP A 363 -6.45 3.44 -31.34
N ASN A 364 -6.06 3.95 -30.17
CA ASN A 364 -4.64 3.89 -29.76
C ASN A 364 -4.46 3.15 -28.42
N VAL A 365 -5.31 2.15 -28.19
CA VAL A 365 -5.26 1.31 -26.99
C VAL A 365 -5.34 -0.18 -27.35
N ARG A 366 -4.44 -0.97 -26.79
CA ARG A 366 -4.53 -2.42 -26.86
C ARG A 366 -4.41 -2.98 -25.44
N LEU A 367 -5.19 -4.01 -25.16
CA LEU A 367 -5.15 -4.62 -23.83
C LEU A 367 -4.57 -6.00 -23.95
N TYR A 368 -3.74 -6.34 -22.97
CA TYR A 368 -3.20 -7.68 -22.89
C TYR A 368 -3.48 -8.19 -21.49
N CYS A 369 -4.31 -9.22 -21.39
CA CYS A 369 -4.95 -9.52 -20.13
C CYS A 369 -4.56 -10.92 -19.71
N PHE A 370 -4.20 -11.08 -18.44
CA PHE A 370 -3.64 -12.37 -17.99
C PHE A 370 -4.05 -12.71 -16.57
N GLY A 371 -3.60 -13.88 -16.09
CA GLY A 371 -3.82 -14.27 -14.70
C GLY A 371 -5.26 -14.67 -14.42
N ARG A 372 -5.61 -14.74 -13.15
CA ARG A 372 -6.86 -15.37 -12.76
C ARG A 372 -8.08 -14.70 -13.42
N ASP A 373 -8.09 -13.37 -13.43
CA ASP A 373 -9.21 -12.60 -13.91
C ASP A 373 -9.01 -12.03 -15.30
N GLY A 374 -8.09 -12.61 -16.07
CA GLY A 374 -7.80 -12.09 -17.41
C GLY A 374 -9.04 -11.96 -18.29
N ALA A 375 -9.92 -12.96 -18.22
CA ALA A 375 -11.09 -12.93 -19.07
C ALA A 375 -12.01 -11.75 -18.78
N GLN A 376 -12.21 -11.44 -17.49
CA GLN A 376 -13.07 -10.34 -17.07
C GLN A 376 -12.46 -9.02 -17.51
N LEU A 377 -11.14 -8.96 -17.47
CA LEU A 377 -10.43 -7.75 -17.90
C LEU A 377 -10.52 -7.54 -19.40
N ALA A 378 -10.36 -8.61 -20.18
CA ALA A 378 -10.49 -8.50 -21.63
C ALA A 378 -11.89 -8.04 -22.04
N ALA A 379 -12.89 -8.40 -21.24
CA ALA A 379 -14.29 -8.01 -21.49
C ALA A 379 -14.57 -6.50 -21.39
N LEU A 380 -13.66 -5.74 -20.78
CA LEU A 380 -13.81 -4.29 -20.78
C LEU A 380 -13.92 -3.74 -22.20
N ARG A 381 -13.15 -4.31 -23.12
CA ARG A 381 -13.23 -3.94 -24.54
C ARG A 381 -12.66 -5.04 -25.44
N PRO A 382 -13.48 -6.08 -25.70
CA PRO A 382 -13.02 -7.31 -26.34
C PRO A 382 -12.29 -7.05 -27.66
N GLU A 383 -12.71 -6.01 -28.39
CA GLU A 383 -12.22 -5.80 -29.76
C GLU A 383 -10.76 -5.37 -29.79
N VAL A 384 -10.25 -4.82 -28.68
CA VAL A 384 -8.83 -4.44 -28.63
C VAL A 384 -8.03 -5.27 -27.61
N ALA A 385 -8.60 -6.39 -27.16
CA ALA A 385 -8.00 -7.18 -26.09
C ALA A 385 -7.50 -8.54 -26.57
N GLU A 386 -6.39 -8.97 -25.97
CA GLU A 386 -5.89 -10.35 -26.05
C GLU A 386 -5.78 -10.90 -24.63
N GLN A 387 -6.00 -12.20 -24.49
CA GLN A 387 -5.90 -12.87 -23.20
C GLN A 387 -4.87 -13.99 -23.26
N THR A 388 -4.00 -14.04 -22.25
CA THR A 388 -3.02 -15.09 -22.12
C THR A 388 -3.09 -15.63 -20.71
N GLU A 389 -2.43 -16.75 -20.46
CA GLU A 389 -2.37 -17.27 -19.11
C GLU A 389 -1.47 -16.39 -18.23
N THR A 390 -0.29 -16.07 -18.73
CA THR A 390 0.73 -15.39 -17.92
C THR A 390 1.14 -14.01 -18.49
N MET A 391 1.75 -13.23 -17.61
CA MET A 391 2.32 -11.93 -17.98
C MET A 391 3.42 -12.07 -19.02
N GLU A 392 4.27 -13.08 -18.87
CA GLU A 392 5.33 -13.30 -19.85
C GLU A 392 4.76 -13.58 -21.26
N GLN A 393 3.74 -14.42 -21.33
CA GLN A 393 3.06 -14.64 -22.59
C GLN A 393 2.51 -13.35 -23.15
N ALA A 394 1.93 -12.51 -22.30
CA ALA A 394 1.37 -11.25 -22.80
C ALA A 394 2.46 -10.34 -23.35
N MET A 395 3.58 -10.26 -22.64
CA MET A 395 4.72 -9.41 -23.04
CA MET A 395 4.66 -9.38 -23.09
C MET A 395 5.27 -9.86 -24.39
N ARG A 396 5.47 -11.15 -24.53
CA ARG A 396 5.98 -11.67 -25.81
C ARG A 396 4.97 -11.53 -26.96
N LEU A 397 3.69 -11.50 -26.63
CA LEU A 397 2.65 -11.20 -27.60
C LEU A 397 2.66 -9.75 -28.06
N LEU A 398 2.76 -8.83 -27.12
CA LEU A 398 2.68 -7.41 -27.47
C LEU A 398 3.97 -6.87 -28.10
N ALA A 399 5.12 -7.41 -27.72
CA ALA A 399 6.38 -6.78 -28.09
C ALA A 399 6.58 -6.58 -29.61
N PRO A 400 6.23 -7.59 -30.42
CA PRO A 400 6.36 -7.38 -31.88
C PRO A 400 5.53 -6.23 -32.43
N ARG A 401 4.44 -5.87 -31.74
CA ARG A 401 3.54 -4.83 -32.20
C ARG A 401 3.94 -3.43 -31.77
N VAL A 402 4.97 -3.32 -30.93
CA VAL A 402 5.32 -2.01 -30.36
C VAL A 402 6.03 -1.16 -31.43
N GLN A 403 5.59 0.09 -31.58
CA GLN A 403 6.15 1.00 -32.58
C GLN A 403 6.73 2.22 -31.85
N PRO A 404 7.70 2.91 -32.45
CA PRO A 404 8.19 4.17 -31.85
C PRO A 404 7.04 5.13 -31.55
N GLY A 405 7.04 5.70 -30.34
CA GLY A 405 5.93 6.55 -29.91
C GLY A 405 5.02 5.81 -28.94
N ASP A 406 5.08 4.49 -28.96
CA ASP A 406 4.22 3.67 -28.04
C ASP A 406 4.67 3.71 -26.57
N MET A 407 3.73 3.31 -25.71
CA MET A 407 4.01 3.08 -24.30
C MET A 407 3.57 1.66 -23.95
N VAL A 408 4.40 0.92 -23.21
CA VAL A 408 3.97 -0.36 -22.67
C VAL A 408 3.81 -0.16 -21.17
N LEU A 409 2.61 -0.38 -20.64
CA LEU A 409 2.32 -0.04 -19.24
C LEU A 409 1.79 -1.27 -18.51
N LEU A 410 2.56 -1.73 -17.51
CA LEU A 410 2.06 -2.74 -16.58
C LEU A 410 1.38 -2.00 -15.43
N SER A 411 0.05 -1.98 -15.43
CA SER A 411 -0.73 -1.36 -14.32
C SER A 411 -1.96 -2.22 -14.10
N PRO A 412 -1.78 -3.33 -13.40
CA PRO A 412 -2.63 -4.49 -13.70
C PRO A 412 -3.98 -4.50 -13.00
N ALA A 413 -4.18 -3.59 -12.04
CA ALA A 413 -5.47 -3.39 -11.35
C ALA A 413 -5.84 -4.51 -10.40
N CYS A 414 -4.89 -5.40 -10.13
CA CYS A 414 -5.15 -6.68 -9.44
C CYS A 414 -3.97 -7.06 -8.54
N ALA A 415 -4.23 -7.88 -7.53
CA ALA A 415 -3.13 -8.50 -6.81
C ALA A 415 -2.38 -9.49 -7.70
N SER A 416 -1.10 -9.70 -7.37
CA SER A 416 -0.20 -10.59 -8.12
C SER A 416 -0.22 -12.01 -7.57
N LEU A 417 -0.94 -12.22 -6.48
CA LEU A 417 -0.67 -13.37 -5.62
C LEU A 417 -1.09 -14.73 -6.21
N ASP A 418 -1.90 -14.71 -7.28
CA ASP A 418 -2.25 -15.96 -7.97
C ASP A 418 -1.08 -16.56 -8.71
N GLN A 419 -0.14 -15.73 -9.14
CA GLN A 419 1.00 -16.20 -9.94
C GLN A 419 2.39 -15.83 -9.43
N PHE A 420 2.46 -14.87 -8.51
CA PHE A 420 3.73 -14.29 -8.07
C PHE A 420 3.76 -14.27 -6.54
N LYS A 421 4.97 -14.17 -6.00
CA LYS A 421 5.17 -13.98 -4.55
C LYS A 421 4.57 -12.66 -4.05
N ASN A 422 4.66 -11.62 -4.88
CA ASN A 422 4.22 -10.28 -4.53
C ASN A 422 4.38 -9.36 -5.73
N PHE A 423 3.86 -8.13 -5.62
CA PHE A 423 3.90 -7.21 -6.75
C PHE A 423 5.33 -6.82 -7.14
N GLU A 424 6.26 -6.88 -6.19
CA GLU A 424 7.65 -6.62 -6.52
C GLU A 424 8.23 -7.66 -7.46
N GLN A 425 7.95 -8.93 -7.20
CA GLN A 425 8.37 -9.97 -8.13
C GLN A 425 7.75 -9.79 -9.51
N ARG A 426 6.46 -9.44 -9.55
CA ARG A 426 5.80 -9.18 -10.83
C ARG A 426 6.48 -7.99 -11.57
N GLY A 427 6.76 -6.92 -10.84
CA GLY A 427 7.45 -5.76 -11.43
C GLY A 427 8.86 -6.09 -11.89
N ASN A 428 9.57 -6.87 -11.08
CA ASN A 428 10.91 -7.25 -11.47
C ASN A 428 10.92 -8.11 -12.73
N GLU A 429 9.98 -9.06 -12.84
CA GLU A 429 9.89 -9.90 -14.04
CA GLU A 429 9.92 -9.90 -14.03
C GLU A 429 9.52 -9.06 -15.26
N PHE A 430 8.60 -8.12 -15.08
CA PHE A 430 8.25 -7.21 -16.16
C PHE A 430 9.49 -6.45 -16.64
N ALA A 431 10.27 -5.92 -15.70
CA ALA A 431 11.43 -5.13 -16.09
C ALA A 431 12.46 -5.96 -16.83
N ARG A 432 12.68 -7.19 -16.38
CA ARG A 432 13.61 -8.10 -17.07
C ARG A 432 13.15 -8.30 -18.51
N LEU A 433 11.86 -8.57 -18.69
CA LEU A 433 11.31 -8.85 -20.01
C LEU A 433 11.28 -7.60 -20.89
N ALA A 434 10.99 -6.44 -20.30
CA ALA A 434 11.08 -5.16 -21.02
C ALA A 434 12.47 -4.96 -21.60
N LYS A 435 13.49 -5.22 -20.79
CA LYS A 435 14.87 -5.04 -21.26
C LYS A 435 15.24 -6.01 -22.38
N GLU A 436 14.78 -7.25 -22.26
CA GLU A 436 14.99 -8.26 -23.30
C GLU A 436 14.29 -7.85 -24.59
N LEU A 437 13.00 -7.48 -24.49
CA LEU A 437 12.13 -7.34 -25.65
C LEU A 437 12.23 -5.94 -26.25
N GLY A 438 12.78 -5.00 -25.49
CA GLY A 438 12.73 -3.57 -25.86
C GLY A 438 14.00 -3.02 -26.49
N SER A 439 14.95 -3.90 -26.79
CA SER A 439 16.12 -3.52 -27.62
C SER A 439 16.50 -4.65 -28.57
N HIS A 440 17.37 -4.36 -29.54
CA HIS A 440 17.73 -5.35 -30.57
C HIS A 440 18.83 -6.29 -30.10
OE2 N04 B . 1.57 -8.00 -3.73
CD N04 B . 0.49 -8.03 -4.36
OE1 N04 B . 0.39 -8.30 -5.57
CG N04 B . -0.81 -7.69 -3.70
CB N04 B . -0.67 -7.30 -2.25
C N04 B . -3.07 -6.68 -2.12
OXT N04 B . -3.06 -5.52 -1.62
O N04 B . -3.89 -7.07 -2.97
N N04 B . -1.96 -7.74 -0.22
CAU N04 B . -2.92 -8.26 0.52
OBC N04 B . -4.01 -8.57 0.07
CAT N04 B . -2.57 -8.44 1.97
CAQ N04 B . -1.29 -8.86 2.29
CAS N04 B . -3.48 -8.15 2.98
CAR N04 B . -3.09 -8.31 4.31
CAP N04 B . -1.82 -8.73 4.64
CAO N04 B . -0.92 -9.01 3.62
CAN N04 B . 0.47 -9.49 3.94
CAA N04 B . 1.20 -11.93 5.46
CAB N04 B . 1.08 -13.01 6.32
CAG N04 B . 0.22 -14.05 6.01
CAC N04 B . 0.48 -11.90 4.28
CAE N04 B . -0.38 -12.95 3.95
CAF N04 B . -0.51 -14.02 4.83
CAH N04 B . -1.45 -15.14 4.45
SBG N04 B . -1.56 -16.12 7.22
CAL N04 B . -2.48 -17.62 7.35
NAX N04 B . -3.03 -18.18 6.25
CA N04 B . -2.03 -7.66 -1.65
CAK N04 B . -2.71 -17.39 5.21
CAI N04 B . -1.89 -16.18 5.48
OBE N04 B . -3.10 -17.68 4.02
OAY N04 B . 0.63 -10.83 3.43
OBH N04 B . -2.66 -18.22 8.46
S DMS C . -6.91 2.78 16.62
O DMS C . -5.94 1.95 17.79
C1 DMS C . -6.52 2.12 14.98
C2 DMS C . -6.52 4.53 16.36
S SO4 D . 1.57 3.85 -3.27
O1 SO4 D . 1.18 3.06 -2.07
O2 SO4 D . 0.37 4.06 -4.15
O3 SO4 D . 2.00 5.15 -2.82
O4 SO4 D . 2.58 3.22 -4.05
S SO3 E . 5.12 -10.27 5.88
O1 SO3 E . 5.56 -11.03 7.06
O2 SO3 E . 6.29 -10.00 5.04
O3 SO3 E . 4.15 -11.09 5.15
CL CL F . -8.46 -23.88 9.39
#